data_7SK6
#
_entry.id   7SK6
#
_cell.length_a   1.00
_cell.length_b   1.00
_cell.length_c   1.00
_cell.angle_alpha   90.00
_cell.angle_beta   90.00
_cell.angle_gamma   90.00
#
_symmetry.space_group_name_H-M   'P 1'
#
loop_
_entity.id
_entity.type
_entity.pdbx_description
1 polymer 'Atypical chemokine receptor 3'
2 polymer 'Stromal cell-derived factor 1'
3 polymer 'CID24 Fab light chain'
4 polymer 'CID24 Fab heavy chain'
#
loop_
_entity_poly.entity_id
_entity_poly.type
_entity_poly.pdbx_seq_one_letter_code
_entity_poly.pdbx_strand_id
1 'polypeptide(L)'
;GAPDLHLFDYSEPGNFSDISWPCNSSDCIVVDTVMCPNMPNKSVLLYTLSFIYIFIFVIGMIANSVVVWVNIQAKTTGYD
THCYILNLAIADLWVVLTIPVWVVSLVQHNQWPMGELTCKVTHLIFSINLFGSIFFLTCMSVDRYLSITYFTNTPSSRKK
MVRRVVCILVWLLAFCVSLPDTYYLKTVTSASNNETYCRSFYPEHSIKEWLIGMELVSVVLGFAVPFSIIAVFYFLLARA
ISASSDQEKHSSRKIIFSYVVVFLVCWLPYHVAVLLDIFSILHYIPFTCRLEHALFTALHVTQCLSLVHCCVNPVLYSFI
NRNYRYELMKAFIFKYSAKTGLTKLIDASRVSETEYSALEQSTKGRPLEVLFQGPHHHHHHHHHHDYKDDDDK
;
A
2 'polypeptide(L)' LRHQSLSYRCPCRFFESHVARANVKHLKILNTPNCALQIVARLKNNNRQVCIDPKLKWIQEYLEKALNK B
3 'polypeptide(L)'
;SDIQMTQSPSSLSASVGDRVTITCRASQSVSSAVAWYQQKPGKAPKLLIYSASSLYSGVPSRFSGSRSGTDFTLTISSLQ
PEDFATYYCQQSYYYPITFGQGTKVEIKRTVAAPSVFIFPPSDSQLKSGTASVVCLLNNFYPREAKVQWKVDNALQSGNS
QESVTEQDSKDSTYSLSSTLTLSKADYEKHKVYACEVTHQGLSSPVTKSFNRGEC
;
E
4 'polypeptide(L)'
;EISEVQLVESGGGLVQPGGSLRLSCAASGFNISSSSIHWVRQAPGKGLEWVASISPSYGYTSYADSVKGRFTISADTSKN
TAYLQMNSLRAEDTAVYYCARVSYWDWTWGWSKYEGMDYWGQGTLVTVSSASTKGPSVFPLAPSSKSTSGGTAALGCLVK
DYFPEPVTVSWNSGALTSGVHTFPAVLQSSGLYSLSSVVTVPSSSLGTQTYICNVNHKPSNTKVDKKVEPKSCDKTHT
;
F
#
# COMPACT_ATOMS: atom_id res chain seq x y z
N ILE A 29 8.91 59.00 -9.86
CA ILE A 29 9.60 57.68 -9.75
C ILE A 29 10.81 57.64 -10.65
N VAL A 30 11.41 56.45 -10.80
CA VAL A 30 12.57 56.25 -11.63
C VAL A 30 12.45 54.80 -12.02
N VAL A 31 13.07 54.44 -13.16
CA VAL A 31 13.04 53.11 -13.70
C VAL A 31 14.46 52.64 -13.75
N ASP A 32 14.74 51.54 -13.01
CA ASP A 32 16.02 50.89 -12.96
C ASP A 32 15.91 49.80 -13.98
N THR A 33 16.96 49.61 -14.80
CA THR A 33 17.00 48.60 -15.80
C THR A 33 18.10 47.68 -15.38
N VAL A 34 17.76 46.38 -15.32
CA VAL A 34 18.65 45.32 -14.98
C VAL A 34 18.72 44.57 -16.28
N MET A 35 19.91 44.58 -16.92
CA MET A 35 20.14 43.80 -18.11
C MET A 35 20.52 42.47 -17.56
N CYS A 36 19.85 41.42 -18.05
CA CYS A 36 20.05 40.07 -17.59
C CYS A 36 20.74 39.40 -18.75
N PRO A 37 22.01 39.05 -18.68
CA PRO A 37 22.71 38.46 -19.81
C PRO A 37 22.44 36.98 -19.74
N ASN A 38 22.64 36.28 -20.88
CA ASN A 38 22.46 34.84 -20.98
C ASN A 38 23.44 34.14 -20.07
N MET A 39 22.94 33.07 -19.40
CA MET A 39 23.67 32.34 -18.39
C MET A 39 24.57 31.39 -19.16
N PRO A 40 25.76 31.04 -18.67
CA PRO A 40 26.75 30.34 -19.46
C PRO A 40 26.41 28.88 -19.68
N ASN A 41 25.99 28.17 -18.61
CA ASN A 41 26.00 26.72 -18.58
C ASN A 41 24.59 26.20 -18.68
N LYS A 42 23.67 26.94 -19.35
CA LYS A 42 22.32 26.47 -19.56
C LYS A 42 22.26 25.22 -20.39
N SER A 43 23.06 25.15 -21.48
CA SER A 43 23.12 24.02 -22.38
C SER A 43 23.59 22.78 -21.66
N VAL A 44 24.62 22.95 -20.80
CA VAL A 44 25.24 21.93 -19.99
C VAL A 44 24.24 21.35 -19.02
N LEU A 45 23.42 22.20 -18.36
CA LEU A 45 22.38 21.82 -17.43
C LEU A 45 21.36 20.94 -18.09
N LEU A 46 20.90 21.31 -19.31
CA LEU A 46 19.89 20.56 -20.03
C LEU A 46 20.41 19.20 -20.44
N TYR A 47 21.70 19.11 -20.84
CA TYR A 47 22.37 17.86 -21.17
C TYR A 47 22.47 16.95 -19.98
N THR A 48 22.83 17.53 -18.80
CA THR A 48 22.95 16.85 -17.52
C THR A 48 21.63 16.28 -17.09
N LEU A 49 20.53 17.05 -17.26
CA LEU A 49 19.20 16.60 -16.91
C LEU A 49 18.74 15.46 -17.76
N SER A 50 19.06 15.48 -19.08
CA SER A 50 18.76 14.38 -19.98
C SER A 50 19.50 13.13 -19.59
N PHE A 51 20.78 13.29 -19.17
CA PHE A 51 21.66 12.27 -18.67
C PHE A 51 21.14 11.58 -17.41
N ILE A 52 20.56 12.36 -16.46
CA ILE A 52 19.92 11.81 -15.28
C ILE A 52 18.61 11.14 -15.62
N TYR A 53 17.80 11.75 -16.52
CA TYR A 53 16.48 11.31 -16.87
C TYR A 53 16.46 9.97 -17.55
N ILE A 54 17.50 9.66 -18.37
CA ILE A 54 17.68 8.35 -18.98
C ILE A 54 17.87 7.29 -17.91
N PHE A 55 18.65 7.57 -16.85
CA PHE A 55 18.85 6.64 -15.74
C PHE A 55 17.56 6.40 -15.00
N ILE A 56 16.75 7.47 -14.75
CA ILE A 56 15.44 7.40 -14.14
C ILE A 56 14.54 6.49 -14.95
N PHE A 57 14.56 6.68 -16.30
CA PHE A 57 13.76 5.92 -17.22
C PHE A 57 14.08 4.45 -17.17
N VAL A 58 15.39 4.08 -17.24
CA VAL A 58 15.81 2.70 -17.25
C VAL A 58 15.48 1.99 -15.95
N ILE A 59 15.85 2.59 -14.80
CA ILE A 59 15.69 1.97 -13.51
C ILE A 59 14.24 1.85 -13.12
N GLY A 60 13.43 2.90 -13.38
CA GLY A 60 12.02 2.89 -13.09
C GLY A 60 11.25 1.87 -13.87
N MET A 61 11.46 1.82 -15.21
CA MET A 61 10.84 0.82 -16.06
C MET A 61 11.11 -0.59 -15.65
N ILE A 62 12.41 -0.93 -15.42
CA ILE A 62 12.88 -2.24 -15.04
C ILE A 62 12.27 -2.68 -13.73
N ALA A 63 12.33 -1.80 -12.69
CA ALA A 63 11.89 -2.10 -11.36
C ALA A 63 10.41 -2.37 -11.32
N ASN A 64 9.61 -1.48 -11.93
CA ASN A 64 8.18 -1.58 -11.95
C ASN A 64 7.66 -2.76 -12.74
N SER A 65 8.30 -3.08 -13.90
CA SER A 65 7.91 -4.20 -14.73
C SER A 65 8.07 -5.52 -14.00
N VAL A 66 9.23 -5.73 -13.34
CA VAL A 66 9.51 -6.95 -12.63
C VAL A 66 8.59 -7.11 -11.44
N VAL A 67 8.25 -6.01 -10.73
CA VAL A 67 7.32 -6.02 -9.63
C VAL A 67 5.95 -6.47 -10.06
N VAL A 68 5.43 -5.97 -11.22
CA VAL A 68 4.14 -6.35 -11.74
C VAL A 68 4.08 -7.82 -12.08
N TRP A 69 5.14 -8.35 -12.74
CA TRP A 69 5.23 -9.74 -13.11
C TRP A 69 5.23 -10.67 -11.91
N VAL A 70 6.02 -10.33 -10.88
CA VAL A 70 6.19 -11.08 -9.65
C VAL A 70 4.92 -11.07 -8.84
N ASN A 71 4.20 -9.92 -8.83
CA ASN A 71 2.92 -9.72 -8.18
C ASN A 71 1.86 -10.65 -8.74
N ILE A 72 1.83 -10.82 -10.08
CA ILE A 72 0.90 -11.70 -10.77
C ILE A 72 1.20 -13.13 -10.42
N GLN A 73 2.50 -13.51 -10.37
CA GLN A 73 2.91 -14.88 -10.12
C GLN A 73 2.74 -15.26 -8.66
N ALA A 74 2.69 -14.28 -7.73
CA ALA A 74 2.58 -14.54 -6.33
C ALA A 74 1.19 -14.97 -5.96
N LYS A 75 0.16 -14.45 -6.68
CA LYS A 75 -1.22 -14.84 -6.53
C LYS A 75 -1.46 -16.30 -6.82
N THR A 76 -0.70 -16.84 -7.80
CA THR A 76 -0.68 -18.24 -8.22
C THR A 76 -0.18 -19.11 -7.09
N THR A 77 0.85 -18.65 -6.35
CA THR A 77 1.50 -19.35 -5.25
C THR A 77 0.55 -19.50 -4.08
N GLY A 78 -0.49 -18.64 -4.00
CA GLY A 78 -1.51 -18.72 -3.00
C GLY A 78 -1.32 -17.65 -1.98
N TYR A 79 -0.42 -16.69 -2.26
CA TYR A 79 -0.17 -15.54 -1.41
C TYR A 79 -1.38 -14.65 -1.39
N ASP A 80 -1.56 -13.92 -0.27
CA ASP A 80 -2.47 -12.81 -0.18
C ASP A 80 -1.64 -11.67 -0.68
N THR A 81 -1.70 -11.43 -2.01
CA THR A 81 -0.87 -10.46 -2.67
C THR A 81 -1.69 -9.22 -2.75
N HIS A 82 -1.12 -8.10 -2.28
CA HIS A 82 -1.79 -6.83 -2.21
C HIS A 82 -2.03 -6.29 -3.58
N CYS A 83 -3.27 -5.78 -3.78
CA CYS A 83 -3.70 -5.12 -4.97
C CYS A 83 -2.92 -3.85 -5.12
N TYR A 84 -2.70 -3.15 -3.99
CA TYR A 84 -2.04 -1.87 -3.88
C TYR A 84 -0.66 -1.88 -4.46
N ILE A 85 0.13 -2.94 -4.20
CA ILE A 85 1.48 -3.12 -4.69
C ILE A 85 1.52 -3.18 -6.20
N LEU A 86 0.58 -3.94 -6.80
CA LEU A 86 0.47 -4.08 -8.24
C LEU A 86 0.17 -2.75 -8.88
N ASN A 87 -0.78 -1.99 -8.26
CA ASN A 87 -1.22 -0.70 -8.71
C ASN A 87 -0.13 0.35 -8.65
N LEU A 88 0.66 0.34 -7.55
CA LEU A 88 1.76 1.25 -7.32
C LEU A 88 2.81 1.08 -8.37
N ALA A 89 3.13 -0.19 -8.69
CA ALA A 89 4.07 -0.53 -9.72
C ALA A 89 3.63 -0.06 -11.07
N ILE A 90 2.34 -0.24 -11.42
CA ILE A 90 1.75 0.21 -12.67
C ILE A 90 1.80 1.71 -12.81
N ALA A 91 1.44 2.45 -11.73
CA ALA A 91 1.42 3.88 -11.70
C ALA A 91 2.79 4.47 -11.91
N ASP A 92 3.80 3.92 -11.22
CA ASP A 92 5.19 4.29 -11.40
C ASP A 92 5.66 3.99 -12.80
N LEU A 93 5.25 2.85 -13.39
CA LEU A 93 5.63 2.42 -14.73
C LEU A 93 5.24 3.45 -15.75
N TRP A 94 3.99 3.98 -15.67
CA TRP A 94 3.48 5.00 -16.54
C TRP A 94 4.18 6.33 -16.43
N VAL A 95 4.47 6.80 -15.18
CA VAL A 95 5.15 8.07 -14.93
C VAL A 95 6.51 8.08 -15.56
N VAL A 96 7.24 6.97 -15.36
CA VAL A 96 8.56 6.77 -15.87
C VAL A 96 8.53 6.68 -17.38
N LEU A 97 7.46 6.07 -17.94
CA LEU A 97 7.28 5.91 -19.36
C LEU A 97 7.05 7.21 -20.11
N THR A 98 6.47 8.25 -19.45
CA THR A 98 6.27 9.55 -20.09
C THR A 98 7.52 10.42 -20.11
N ILE A 99 8.68 9.89 -19.65
CA ILE A 99 9.93 10.62 -19.62
C ILE A 99 10.46 11.03 -20.99
N PRO A 100 10.54 10.23 -22.05
CA PRO A 100 11.21 10.60 -23.29
C PRO A 100 10.70 11.84 -23.97
N VAL A 101 9.37 12.11 -23.91
CA VAL A 101 8.75 13.28 -24.49
C VAL A 101 9.29 14.54 -23.85
N TRP A 102 9.41 14.53 -22.50
CA TRP A 102 9.98 15.60 -21.73
C TRP A 102 11.42 15.84 -22.07
N VAL A 103 12.23 14.75 -22.25
CA VAL A 103 13.63 14.83 -22.62
C VAL A 103 13.83 15.50 -23.96
N VAL A 104 13.02 15.11 -24.97
CA VAL A 104 13.08 15.64 -26.32
C VAL A 104 12.80 17.12 -26.34
N SER A 105 11.75 17.56 -25.60
CA SER A 105 11.39 18.95 -25.49
C SER A 105 12.44 19.77 -24.74
N LEU A 106 13.13 19.15 -23.76
CA LEU A 106 14.03 19.80 -22.85
C LEU A 106 15.33 20.17 -23.50
N VAL A 107 15.84 19.28 -24.40
CA VAL A 107 17.08 19.45 -25.13
C VAL A 107 17.02 20.69 -26.02
N GLN A 108 15.82 21.03 -26.53
CA GLN A 108 15.62 22.13 -27.43
C GLN A 108 15.21 23.35 -26.63
N HIS A 109 15.66 23.45 -25.36
CA HIS A 109 15.48 24.60 -24.49
C HIS A 109 14.03 24.82 -24.20
N ASN A 110 13.30 23.70 -23.98
CA ASN A 110 11.90 23.63 -23.62
C ASN A 110 11.00 23.89 -24.81
N GLN A 111 11.56 24.03 -26.04
CA GLN A 111 10.81 24.10 -27.27
C GLN A 111 10.12 22.80 -27.59
N TRP A 112 8.94 22.90 -28.23
CA TRP A 112 8.03 21.81 -28.39
C TRP A 112 8.05 21.44 -29.86
N PRO A 113 8.31 20.18 -30.25
CA PRO A 113 8.33 19.80 -31.65
C PRO A 113 7.10 18.97 -31.99
N MET A 114 6.32 18.50 -30.99
CA MET A 114 5.23 17.58 -31.21
C MET A 114 3.97 18.39 -31.43
N GLY A 115 2.80 17.73 -31.49
CA GLY A 115 1.53 18.37 -31.76
C GLY A 115 0.89 18.74 -30.45
N GLU A 116 -0.21 19.52 -30.50
CA GLU A 116 -0.99 19.92 -29.33
C GLU A 116 -1.62 18.75 -28.65
N LEU A 117 -2.17 17.80 -29.46
CA LEU A 117 -2.82 16.61 -28.98
C LEU A 117 -1.84 15.74 -28.24
N THR A 118 -0.58 15.64 -28.75
CA THR A 118 0.52 14.94 -28.12
C THR A 118 0.84 15.53 -26.77
N CYS A 119 0.88 16.88 -26.68
CA CYS A 119 1.18 17.63 -25.49
C CYS A 119 0.20 17.33 -24.38
N LYS A 120 -1.11 17.37 -24.72
CA LYS A 120 -2.20 17.07 -23.83
C LYS A 120 -2.15 15.66 -23.29
N VAL A 121 -1.95 14.67 -24.20
CA VAL A 121 -1.93 13.26 -23.86
C VAL A 121 -0.79 12.90 -22.94
N THR A 122 0.44 13.37 -23.22
CA THR A 122 1.62 13.08 -22.43
C THR A 122 1.47 13.62 -21.04
N HIS A 123 0.97 14.87 -20.93
CA HIS A 123 0.75 15.53 -19.66
C HIS A 123 -0.28 14.82 -18.82
N LEU A 124 -1.41 14.37 -19.41
CA LEU A 124 -2.46 13.72 -18.67
C LEU A 124 -2.00 12.43 -18.05
N ILE A 125 -1.28 11.58 -18.84
CA ILE A 125 -0.72 10.31 -18.41
C ILE A 125 0.26 10.52 -17.28
N PHE A 126 1.18 11.50 -17.44
CA PHE A 126 2.17 11.84 -16.45
C PHE A 126 1.54 12.20 -15.11
N SER A 127 0.55 13.12 -15.15
CA SER A 127 -0.12 13.64 -13.99
C SER A 127 -0.93 12.60 -13.24
N ILE A 128 -1.78 11.80 -13.95
CA ILE A 128 -2.69 10.84 -13.32
C ILE A 128 -1.94 9.78 -12.60
N ASN A 129 -0.91 9.24 -13.28
CA ASN A 129 -0.10 8.18 -12.76
C ASN A 129 0.74 8.63 -11.60
N LEU A 130 1.31 9.86 -11.63
CA LEU A 130 2.12 10.38 -10.56
C LEU A 130 1.34 10.55 -9.28
N PHE A 131 0.13 11.15 -9.36
CA PHE A 131 -0.74 11.27 -8.21
C PHE A 131 -1.17 9.93 -7.67
N GLY A 132 -1.51 8.98 -8.57
CA GLY A 132 -1.91 7.64 -8.19
C GLY A 132 -0.88 6.87 -7.43
N SER A 133 0.42 6.94 -7.85
CA SER A 133 1.50 6.24 -7.19
C SER A 133 1.67 6.70 -5.77
N ILE A 134 1.65 8.04 -5.54
CA ILE A 134 1.78 8.66 -4.25
C ILE A 134 0.65 8.21 -3.35
N PHE A 135 -0.58 8.18 -3.88
CA PHE A 135 -1.77 7.76 -3.16
C PHE A 135 -1.70 6.32 -2.72
N PHE A 136 -1.09 5.42 -3.54
CA PHE A 136 -0.92 4.03 -3.16
C PHE A 136 0.03 3.85 -2.02
N LEU A 137 1.10 4.69 -1.92
CA LEU A 137 1.97 4.76 -0.75
C LEU A 137 1.20 5.04 0.51
N THR A 138 0.29 6.05 0.46
CA THR A 138 -0.53 6.49 1.58
C THR A 138 -1.43 5.35 2.06
N CYS A 139 -2.02 4.58 1.11
CA CYS A 139 -2.88 3.45 1.37
C CYS A 139 -2.16 2.35 2.11
N MET A 140 -0.91 2.06 1.68
CA MET A 140 -0.07 1.03 2.27
C MET A 140 0.33 1.32 3.68
N SER A 141 0.62 2.61 3.99
CA SER A 141 0.95 3.10 5.32
C SER A 141 -0.17 2.81 6.30
N VAL A 142 -1.43 3.09 5.87
CA VAL A 142 -2.62 2.85 6.66
C VAL A 142 -2.86 1.38 6.84
N ASP A 143 -2.60 0.59 5.78
CA ASP A 143 -2.88 -0.83 5.70
C ASP A 143 -2.04 -1.62 6.68
N ARG A 144 -0.79 -1.17 6.98
CA ARG A 144 0.06 -1.84 7.95
C ARG A 144 -0.55 -1.89 9.33
N TYR A 145 -1.05 -0.73 9.81
CA TYR A 145 -1.68 -0.59 11.11
C TYR A 145 -2.97 -1.36 11.19
N LEU A 146 -3.80 -1.31 10.12
CA LEU A 146 -5.04 -2.04 10.04
C LEU A 146 -4.83 -3.53 10.07
N SER A 147 -3.72 -4.02 9.47
CA SER A 147 -3.43 -5.43 9.41
C SER A 147 -3.06 -5.98 10.77
N ILE A 148 -2.30 -5.21 11.59
CA ILE A 148 -1.99 -5.63 12.94
C ILE A 148 -3.18 -5.62 13.88
N THR A 149 -4.08 -4.61 13.78
CA THR A 149 -5.15 -4.47 14.75
C THR A 149 -6.43 -5.14 14.30
N TYR A 150 -7.00 -4.68 13.16
CA TYR A 150 -8.38 -4.91 12.82
C TYR A 150 -8.51 -6.19 12.05
N PHE A 151 -7.73 -6.34 10.96
CA PHE A 151 -7.84 -7.45 10.06
C PHE A 151 -7.04 -8.58 10.63
N THR A 152 -7.71 -9.55 11.28
CA THR A 152 -7.08 -10.76 11.73
C THR A 152 -8.19 -11.76 12.00
N ASN A 153 -9.46 -11.31 12.11
CA ASN A 153 -10.61 -12.18 12.22
C ASN A 153 -11.51 -11.89 11.04
N THR A 154 -10.99 -11.12 10.05
CA THR A 154 -11.77 -10.64 8.93
C THR A 154 -11.64 -11.67 7.83
N PRO A 155 -12.70 -12.13 7.15
CA PRO A 155 -12.63 -13.12 6.08
C PRO A 155 -11.70 -12.71 4.97
N SER A 156 -11.02 -13.68 4.33
CA SER A 156 -10.09 -13.45 3.24
C SER A 156 -10.74 -12.74 2.08
N SER A 157 -12.00 -13.12 1.79
CA SER A 157 -12.84 -12.58 0.75
C SER A 157 -13.11 -11.11 1.00
N ARG A 158 -13.45 -10.77 2.26
CA ARG A 158 -13.78 -9.43 2.68
C ARG A 158 -12.62 -8.48 2.54
N LYS A 159 -11.40 -8.88 2.96
CA LYS A 159 -10.22 -8.05 2.83
C LYS A 159 -9.83 -7.81 1.39
N LYS A 160 -9.94 -8.84 0.51
CA LYS A 160 -9.68 -8.70 -0.90
C LYS A 160 -10.63 -7.73 -1.55
N MET A 161 -11.92 -7.79 -1.15
CA MET A 161 -12.95 -6.88 -1.61
C MET A 161 -12.64 -5.45 -1.24
N VAL A 162 -12.18 -5.20 0.01
CA VAL A 162 -11.79 -3.89 0.49
C VAL A 162 -10.63 -3.33 -0.32
N ARG A 163 -9.61 -4.17 -0.64
CA ARG A 163 -8.49 -3.75 -1.46
C ARG A 163 -8.91 -3.33 -2.85
N ARG A 164 -9.82 -4.10 -3.49
CA ARG A 164 -10.36 -3.81 -4.80
C ARG A 164 -11.14 -2.52 -4.86
N VAL A 165 -11.99 -2.25 -3.84
CA VAL A 165 -12.77 -1.03 -3.73
C VAL A 165 -11.89 0.18 -3.64
N VAL A 166 -10.83 0.10 -2.80
CA VAL A 166 -9.84 1.14 -2.60
C VAL A 166 -9.07 1.40 -3.86
N CYS A 167 -8.70 0.34 -4.62
CA CYS A 167 -7.96 0.45 -5.86
C CYS A 167 -8.69 1.27 -6.90
N ILE A 168 -10.01 1.01 -7.09
CA ILE A 168 -10.85 1.75 -7.99
C ILE A 168 -10.97 3.20 -7.58
N LEU A 169 -11.14 3.45 -6.27
CA LEU A 169 -11.28 4.79 -5.73
C LEU A 169 -10.05 5.64 -5.95
N VAL A 170 -8.84 5.06 -5.77
CA VAL A 170 -7.58 5.75 -5.98
C VAL A 170 -7.39 6.17 -7.41
N TRP A 171 -7.67 5.26 -8.38
CA TRP A 171 -7.56 5.58 -9.80
C TRP A 171 -8.49 6.71 -10.19
N LEU A 172 -9.75 6.67 -9.71
CA LEU A 172 -10.75 7.68 -9.96
C LEU A 172 -10.36 9.04 -9.43
N LEU A 173 -9.83 9.08 -8.18
CA LEU A 173 -9.39 10.28 -7.51
C LEU A 173 -8.23 10.94 -8.22
N ALA A 174 -7.27 10.10 -8.66
CA ALA A 174 -6.10 10.48 -9.41
C ALA A 174 -6.47 11.13 -10.71
N PHE A 175 -7.44 10.55 -11.43
CA PHE A 175 -7.96 11.05 -12.68
C PHE A 175 -8.58 12.42 -12.50
N CYS A 176 -9.38 12.58 -11.43
CA CYS A 176 -10.13 13.78 -11.14
C CYS A 176 -9.25 14.99 -10.92
N VAL A 177 -8.12 14.84 -10.16
CA VAL A 177 -7.24 15.95 -9.87
C VAL A 177 -6.36 16.33 -11.04
N SER A 178 -6.08 15.38 -11.96
CA SER A 178 -5.20 15.58 -13.10
C SER A 178 -5.81 16.34 -14.23
N LEU A 179 -7.13 16.14 -14.44
CA LEU A 179 -7.87 16.63 -15.57
C LEU A 179 -7.76 18.14 -15.85
N PRO A 180 -7.92 19.11 -14.93
CA PRO A 180 -8.02 20.53 -15.26
C PRO A 180 -6.83 21.10 -15.98
N ASP A 181 -5.60 20.65 -15.62
CA ASP A 181 -4.36 21.12 -16.19
C ASP A 181 -4.25 20.77 -17.66
N THR A 182 -4.70 19.55 -18.05
CA THR A 182 -4.64 19.07 -19.41
C THR A 182 -5.57 19.85 -20.30
N TYR A 183 -6.74 20.26 -19.76
CA TYR A 183 -7.78 20.95 -20.48
C TYR A 183 -7.27 22.27 -21.01
N TYR A 184 -6.51 23.00 -20.16
CA TYR A 184 -6.02 24.32 -20.46
C TYR A 184 -4.65 24.25 -21.10
N LEU A 185 -4.11 23.03 -21.31
CA LEU A 185 -2.79 22.86 -21.90
C LEU A 185 -2.96 22.93 -23.39
N LYS A 186 -2.28 23.91 -24.02
CA LYS A 186 -2.44 24.17 -25.44
C LYS A 186 -1.09 24.62 -25.91
N THR A 187 -0.72 24.22 -27.15
CA THR A 187 0.53 24.60 -27.78
C THR A 187 0.41 26.04 -28.21
N VAL A 188 1.41 26.87 -27.81
CA VAL A 188 1.44 28.28 -28.06
C VAL A 188 2.50 28.59 -29.14
N ASN A 194 7.15 32.36 -33.99
CA ASN A 194 8.60 32.58 -33.82
C ASN A 194 9.23 31.28 -33.43
N GLU A 195 9.21 30.96 -32.11
CA GLU A 195 9.73 29.74 -31.56
C GLU A 195 8.57 29.06 -30.93
N THR A 196 8.47 27.72 -31.10
CA THR A 196 7.33 26.94 -30.70
C THR A 196 7.61 26.41 -29.32
N TYR A 197 6.59 26.49 -28.44
CA TYR A 197 6.64 26.00 -27.08
C TYR A 197 5.26 25.46 -26.88
N CYS A 198 5.10 24.53 -25.92
CA CYS A 198 3.81 24.06 -25.48
C CYS A 198 3.86 24.31 -24.01
N ARG A 199 3.03 25.25 -23.56
CA ARG A 199 2.97 25.66 -22.20
C ARG A 199 1.55 26.04 -22.02
N SER A 200 0.96 25.63 -20.88
CA SER A 200 -0.45 25.80 -20.60
C SER A 200 -0.82 27.25 -20.57
N PHE A 201 -1.93 27.60 -21.26
CA PHE A 201 -2.49 28.92 -21.27
C PHE A 201 -3.77 28.75 -20.52
N TYR A 202 -3.83 29.36 -19.33
CA TYR A 202 -4.96 29.30 -18.45
C TYR A 202 -5.87 30.46 -18.79
N PRO A 203 -7.16 30.42 -18.44
CA PRO A 203 -8.15 31.47 -18.65
C PRO A 203 -7.69 32.87 -18.35
N GLU A 204 -8.19 33.86 -19.11
CA GLU A 204 -7.71 35.23 -19.18
C GLU A 204 -7.67 35.94 -17.86
N HIS A 205 -8.74 35.77 -17.06
CA HIS A 205 -8.95 36.53 -15.85
C HIS A 205 -8.60 35.70 -14.66
N SER A 206 -7.85 34.59 -14.85
CA SER A 206 -7.52 33.72 -13.76
C SER A 206 -6.18 33.05 -13.99
N ILE A 207 -5.32 33.57 -14.92
CA ILE A 207 -4.04 32.96 -15.31
C ILE A 207 -3.23 32.60 -14.09
N LYS A 208 -2.93 33.65 -13.28
CA LYS A 208 -2.28 33.65 -11.99
C LYS A 208 -2.81 32.59 -11.06
N GLU A 209 -4.12 32.71 -10.75
CA GLU A 209 -4.91 31.89 -9.85
C GLU A 209 -4.68 30.43 -10.10
N TRP A 210 -4.99 29.98 -11.36
CA TRP A 210 -4.80 28.64 -11.85
C TRP A 210 -3.42 28.10 -11.61
N LEU A 211 -2.38 28.79 -12.14
CA LEU A 211 -0.98 28.40 -12.00
C LEU A 211 -0.60 28.07 -10.57
N ILE A 212 -0.67 29.11 -9.70
CA ILE A 212 -0.30 29.07 -8.31
C ILE A 212 -1.09 28.03 -7.55
N GLY A 213 -2.44 28.06 -7.72
CA GLY A 213 -3.41 27.19 -7.09
C GLY A 213 -3.12 25.74 -7.27
N MET A 214 -2.94 25.34 -8.55
CA MET A 214 -2.72 23.99 -9.01
C MET A 214 -1.47 23.40 -8.41
N GLU A 215 -0.33 24.12 -8.52
CA GLU A 215 0.93 23.69 -7.96
C GLU A 215 0.88 23.43 -6.48
N LEU A 216 0.17 24.28 -5.70
CA LEU A 216 0.04 24.13 -4.26
C LEU A 216 -0.75 22.89 -3.90
N VAL A 217 -1.81 22.57 -4.67
CA VAL A 217 -2.60 21.36 -4.54
C VAL A 217 -1.71 20.17 -4.78
N SER A 218 -0.82 20.26 -5.81
CA SER A 218 0.13 19.23 -6.16
C SER A 218 1.10 18.98 -5.03
N VAL A 219 1.57 20.06 -4.36
CA VAL A 219 2.48 20.04 -3.24
C VAL A 219 1.85 19.36 -2.04
N VAL A 220 0.59 19.73 -1.68
CA VAL A 220 -0.06 19.24 -0.48
C VAL A 220 -0.43 17.79 -0.61
N LEU A 221 -1.12 17.44 -1.70
CA LEU A 221 -1.59 16.09 -2.00
C LEU A 221 -0.42 15.18 -2.25
N GLY A 222 0.65 15.71 -2.88
CA GLY A 222 1.88 15.00 -3.12
C GLY A 222 2.71 14.71 -1.90
N PHE A 223 2.85 15.68 -0.98
CA PHE A 223 3.82 15.57 0.10
C PHE A 223 3.27 15.78 1.47
N ALA A 224 2.49 16.85 1.71
CA ALA A 224 2.04 17.17 3.06
C ALA A 224 1.07 16.16 3.62
N VAL A 225 0.03 15.79 2.85
CA VAL A 225 -0.95 14.81 3.24
C VAL A 225 -0.34 13.42 3.34
N PRO A 226 0.48 12.90 2.42
CA PRO A 226 0.99 11.55 2.54
C PRO A 226 2.10 11.43 3.55
N PHE A 227 2.89 12.49 3.81
CA PHE A 227 3.95 12.48 4.78
C PHE A 227 3.38 12.40 6.17
N SER A 228 2.27 13.14 6.44
CA SER A 228 1.57 13.15 7.70
C SER A 228 1.08 11.76 8.05
N ILE A 229 0.42 11.08 7.08
CA ILE A 229 -0.08 9.73 7.20
C ILE A 229 1.04 8.75 7.44
N ILE A 230 2.16 8.90 6.69
CA ILE A 230 3.34 8.08 6.75
C ILE A 230 3.96 8.13 8.12
N ALA A 231 4.11 9.34 8.69
CA ALA A 231 4.66 9.56 10.01
C ALA A 231 3.81 8.93 11.09
N VAL A 232 2.47 9.16 11.06
CA VAL A 232 1.57 8.71 12.09
C VAL A 232 1.48 7.22 12.20
N PHE A 233 1.31 6.50 11.07
CA PHE A 233 1.10 5.07 11.09
C PHE A 233 2.36 4.28 11.13
N TYR A 234 3.54 4.95 11.01
CA TYR A 234 4.81 4.31 11.26
C TYR A 234 5.27 4.54 12.68
N PHE A 235 4.89 5.68 13.30
CA PHE A 235 5.09 5.88 14.72
C PHE A 235 4.28 4.88 15.54
N LEU A 236 3.01 4.66 15.14
CA LEU A 236 2.11 3.69 15.73
C LEU A 236 2.60 2.28 15.52
N LEU A 237 3.15 1.97 14.32
CA LEU A 237 3.70 0.67 14.00
C LEU A 237 4.89 0.33 14.86
N ALA A 238 5.80 1.31 15.08
CA ALA A 238 6.96 1.18 15.91
C ALA A 238 6.61 0.90 17.35
N ARG A 239 5.59 1.63 17.87
CA ARG A 239 5.07 1.48 19.21
C ARG A 239 4.47 0.11 19.43
N ALA A 240 3.68 -0.38 18.45
CA ALA A 240 3.03 -1.67 18.49
C ALA A 240 4.01 -2.82 18.50
N ILE A 241 5.07 -2.73 17.66
CA ILE A 241 6.13 -3.70 17.56
C ILE A 241 6.94 -3.76 18.83
N SER A 242 7.18 -2.59 19.47
CA SER A 242 7.85 -2.46 20.74
C SER A 242 7.10 -3.14 21.86
N ALA A 243 5.75 -2.96 21.89
CA ALA A 243 4.86 -3.59 22.84
C ALA A 243 4.82 -5.10 22.71
N SER A 244 5.05 -5.59 21.47
CA SER A 244 5.15 -7.00 21.17
C SER A 244 6.57 -7.41 21.43
N SER A 245 6.80 -8.73 21.50
CA SER A 245 8.11 -9.26 21.78
C SER A 245 8.41 -10.23 20.70
N ASP A 246 7.37 -10.89 20.14
CA ASP A 246 7.56 -11.87 19.08
C ASP A 246 7.83 -11.16 17.78
N GLN A 247 7.12 -10.03 17.54
CA GLN A 247 7.21 -9.26 16.32
C GLN A 247 8.55 -8.64 16.08
N GLU A 248 9.10 -7.97 17.12
CA GLU A 248 10.32 -7.20 17.08
C GLU A 248 11.57 -7.97 16.74
N LYS A 249 11.54 -9.31 16.95
CA LYS A 249 12.60 -10.21 16.56
C LYS A 249 12.76 -10.23 15.06
N HIS A 250 11.62 -10.24 14.35
CA HIS A 250 11.56 -10.38 12.92
C HIS A 250 11.53 -9.04 12.22
N SER A 251 11.07 -7.97 12.91
CA SER A 251 10.87 -6.67 12.32
C SER A 251 11.79 -5.67 12.97
N SER A 252 12.65 -5.03 12.13
CA SER A 252 13.57 -3.99 12.51
C SER A 252 12.79 -2.76 12.89
N ARG A 253 13.32 -2.01 13.89
CA ARG A 253 12.71 -0.82 14.40
C ARG A 253 13.08 0.33 13.50
N LYS A 254 14.35 0.32 13.00
CA LYS A 254 14.92 1.39 12.22
C LYS A 254 14.26 1.56 10.88
N ILE A 255 13.92 0.43 10.20
CA ILE A 255 13.41 0.38 8.84
C ILE A 255 12.08 1.10 8.70
N ILE A 256 11.28 1.10 9.79
CA ILE A 256 9.99 1.74 9.88
C ILE A 256 10.16 3.24 9.73
N PHE A 257 11.09 3.83 10.51
CA PHE A 257 11.50 5.21 10.42
C PHE A 257 12.25 5.54 9.15
N SER A 258 12.91 4.54 8.52
CA SER A 258 13.60 4.69 7.25
C SER A 258 12.63 5.03 6.17
N TYR A 259 11.45 4.37 6.14
CA TYR A 259 10.35 4.70 5.25
C TYR A 259 9.97 6.16 5.36
N VAL A 260 9.78 6.66 6.61
CA VAL A 260 9.38 8.03 6.87
C VAL A 260 10.41 9.02 6.33
N VAL A 261 11.71 8.80 6.64
CA VAL A 261 12.79 9.68 6.27
C VAL A 261 13.07 9.72 4.79
N VAL A 262 12.95 8.58 4.07
CA VAL A 262 13.14 8.52 2.63
C VAL A 262 12.10 9.32 1.91
N PHE A 263 10.81 9.24 2.34
CA PHE A 263 9.73 10.01 1.80
C PHE A 263 9.99 11.49 1.93
N LEU A 264 10.47 11.92 3.13
CA LEU A 264 10.80 13.30 3.44
C LEU A 264 11.85 13.85 2.51
N VAL A 265 12.96 13.08 2.32
CA VAL A 265 14.10 13.43 1.50
C VAL A 265 13.74 13.63 0.05
N CYS A 266 12.90 12.74 -0.54
CA CYS A 266 12.51 12.80 -1.94
C CYS A 266 11.75 14.05 -2.30
N TRP A 267 10.82 14.48 -1.42
CA TRP A 267 9.81 15.44 -1.80
C TRP A 267 10.06 16.83 -1.32
N LEU A 268 10.64 17.00 -0.09
CA LEU A 268 10.79 18.32 0.48
C LEU A 268 11.64 19.29 -0.33
N PRO A 269 12.82 18.98 -0.91
CA PRO A 269 13.59 19.93 -1.69
C PRO A 269 12.87 20.47 -2.89
N TYR A 270 12.14 19.61 -3.64
CA TYR A 270 11.46 19.99 -4.86
C TYR A 270 10.36 20.98 -4.60
N HIS A 271 9.56 20.74 -3.54
CA HIS A 271 8.49 21.62 -3.15
C HIS A 271 9.00 22.93 -2.66
N VAL A 272 10.16 22.94 -1.96
CA VAL A 272 10.84 24.15 -1.54
C VAL A 272 11.29 24.96 -2.73
N ALA A 273 11.86 24.32 -3.78
CA ALA A 273 12.28 24.98 -5.00
C ALA A 273 11.14 25.64 -5.73
N VAL A 274 9.98 24.94 -5.81
CA VAL A 274 8.77 25.45 -6.43
C VAL A 274 8.25 26.66 -5.68
N LEU A 275 8.25 26.61 -4.33
CA LEU A 275 7.84 27.71 -3.48
C LEU A 275 8.72 28.92 -3.63
N LEU A 276 10.06 28.72 -3.75
CA LEU A 276 11.03 29.77 -3.99
C LEU A 276 10.80 30.45 -5.30
N ASP A 277 10.45 29.67 -6.35
CA ASP A 277 10.08 30.20 -7.66
C ASP A 277 8.87 31.08 -7.56
N ILE A 278 7.84 30.65 -6.79
CA ILE A 278 6.62 31.41 -6.61
C ILE A 278 6.91 32.72 -5.89
N PHE A 279 7.78 32.69 -4.86
CA PHE A 279 8.22 33.87 -4.14
C PHE A 279 8.95 34.87 -5.00
N SER A 280 9.85 34.40 -5.91
CA SER A 280 10.59 35.24 -6.83
C SER A 280 9.69 35.95 -7.80
N ILE A 281 8.62 35.26 -8.30
CA ILE A 281 7.63 35.81 -9.21
C ILE A 281 6.90 36.97 -8.55
N LEU A 282 6.47 36.78 -7.28
CA LEU A 282 5.82 37.78 -6.47
C LEU A 282 6.80 38.75 -5.86
N HIS A 283 8.10 38.62 -6.19
CA HIS A 283 9.23 39.42 -5.77
C HIS A 283 9.23 39.76 -4.30
N TYR A 284 9.22 38.69 -3.48
CA TYR A 284 9.54 38.76 -2.08
C TYR A 284 10.99 38.37 -1.94
N ILE A 285 11.62 38.00 -3.08
CA ILE A 285 13.02 37.72 -3.18
C ILE A 285 13.44 38.74 -4.21
N PRO A 286 14.20 39.79 -3.89
CA PRO A 286 14.69 40.78 -4.84
C PRO A 286 15.40 40.18 -6.02
N PHE A 287 15.10 40.67 -7.24
CA PHE A 287 15.60 40.15 -8.49
C PHE A 287 17.11 40.28 -8.57
N THR A 288 17.76 39.23 -9.10
CA THR A 288 19.17 39.24 -9.41
C THR A 288 19.23 38.29 -10.56
N CYS A 289 20.13 38.52 -11.56
CA CYS A 289 20.38 37.59 -12.65
C CYS A 289 20.85 36.26 -12.09
N ARG A 290 21.70 36.33 -11.04
CA ARG A 290 22.21 35.21 -10.27
C ARG A 290 21.12 34.45 -9.58
N LEU A 291 20.08 35.13 -9.04
CA LEU A 291 18.91 34.52 -8.43
C LEU A 291 18.16 33.68 -9.43
N GLU A 292 17.97 34.20 -10.66
CA GLU A 292 17.33 33.48 -11.75
C GLU A 292 18.10 32.25 -12.14
N HIS A 293 19.44 32.36 -12.22
CA HIS A 293 20.32 31.27 -12.54
C HIS A 293 20.23 30.19 -11.50
N ALA A 294 20.21 30.58 -10.21
CA ALA A 294 20.10 29.71 -9.07
C ALA A 294 18.79 28.96 -9.07
N LEU A 295 17.65 29.64 -9.34
CA LEU A 295 16.33 29.08 -9.42
C LEU A 295 16.20 28.07 -10.52
N PHE A 296 16.77 28.40 -11.70
CA PHE A 296 16.78 27.57 -12.89
C PHE A 296 17.46 26.26 -12.61
N THR A 297 18.68 26.34 -12.02
CA THR A 297 19.45 25.20 -11.61
C THR A 297 18.74 24.38 -10.54
N ALA A 298 18.18 25.06 -9.52
CA ALA A 298 17.53 24.43 -8.38
C ALA A 298 16.31 23.64 -8.75
N LEU A 299 15.42 24.22 -9.58
CA LEU A 299 14.21 23.61 -10.06
C LEU A 299 14.51 22.37 -10.83
N HIS A 300 15.51 22.45 -11.73
CA HIS A 300 15.89 21.36 -12.60
C HIS A 300 16.48 20.20 -11.84
N VAL A 301 17.40 20.47 -10.88
CA VAL A 301 18.04 19.46 -10.05
C VAL A 301 17.06 18.76 -9.15
N THR A 302 16.16 19.53 -8.49
CA THR A 302 15.15 19.00 -7.60
C THR A 302 14.09 18.23 -8.35
N GLN A 303 13.82 18.59 -9.62
CA GLN A 303 12.93 17.89 -10.51
C GLN A 303 13.45 16.49 -10.72
N CYS A 304 14.79 16.34 -10.90
CA CYS A 304 15.43 15.04 -10.99
C CYS A 304 15.24 14.24 -9.73
N LEU A 305 15.41 14.89 -8.54
CA LEU A 305 15.27 14.26 -7.24
C LEU A 305 13.87 13.75 -7.01
N SER A 306 12.85 14.54 -7.41
CA SER A 306 11.46 14.19 -7.33
C SER A 306 11.15 12.99 -8.19
N LEU A 307 11.66 12.96 -9.44
CA LEU A 307 11.46 11.87 -10.37
C LEU A 307 12.15 10.57 -9.97
N VAL A 308 13.21 10.65 -9.13
CA VAL A 308 13.84 9.53 -8.45
C VAL A 308 12.92 8.83 -7.47
N HIS A 309 11.81 9.48 -7.05
CA HIS A 309 10.83 8.94 -6.13
C HIS A 309 10.20 7.68 -6.65
N CYS A 310 9.83 7.65 -7.95
CA CYS A 310 9.20 6.51 -8.59
C CYS A 310 10.10 5.31 -8.66
N CYS A 311 11.43 5.52 -8.82
CA CYS A 311 12.44 4.49 -8.77
C CYS A 311 12.57 3.86 -7.40
N VAL A 312 12.44 4.68 -6.34
CA VAL A 312 12.71 4.28 -4.97
C VAL A 312 11.50 3.62 -4.33
N ASN A 313 10.28 3.86 -4.85
CA ASN A 313 9.05 3.26 -4.37
C ASN A 313 9.06 1.75 -4.32
N PRO A 314 9.51 0.98 -5.33
CA PRO A 314 9.62 -0.46 -5.26
C PRO A 314 10.47 -0.97 -4.14
N VAL A 315 11.58 -0.29 -3.81
CA VAL A 315 12.55 -0.77 -2.87
C VAL A 315 11.96 -0.88 -1.48
N LEU A 316 11.25 0.18 -1.04
CA LEU A 316 10.72 0.29 0.30
C LEU A 316 9.68 -0.75 0.66
N TYR A 317 8.72 -1.01 -0.25
CA TYR A 317 7.55 -1.79 0.09
C TYR A 317 7.65 -3.22 -0.34
N SER A 318 8.54 -3.54 -1.31
CA SER A 318 8.60 -4.86 -1.87
C SER A 318 9.91 -5.50 -1.55
N PHE A 319 11.04 -4.82 -1.88
CA PHE A 319 12.36 -5.41 -1.90
C PHE A 319 12.82 -5.84 -0.53
N ILE A 320 12.40 -5.12 0.53
CA ILE A 320 12.71 -5.42 1.91
C ILE A 320 12.19 -6.79 2.30
N ASN A 321 10.94 -7.13 1.91
CA ASN A 321 10.28 -8.38 2.26
C ASN A 321 10.98 -9.56 1.64
N ARG A 322 11.18 -10.61 2.45
CA ARG A 322 11.82 -11.86 2.12
C ARG A 322 11.00 -12.61 1.11
N ASN A 323 9.66 -12.56 1.30
CA ASN A 323 8.67 -13.20 0.48
C ASN A 323 8.71 -12.74 -0.95
N TYR A 324 8.87 -11.41 -1.17
CA TYR A 324 9.01 -10.86 -2.50
C TYR A 324 10.26 -11.35 -3.18
N ARG A 325 11.37 -11.42 -2.43
CA ARG A 325 12.66 -11.89 -2.91
C ARG A 325 12.61 -13.31 -3.39
N TYR A 326 11.93 -14.20 -2.62
CA TYR A 326 11.74 -15.59 -2.96
C TYR A 326 10.94 -15.74 -4.25
N GLU A 327 9.85 -14.95 -4.38
CA GLU A 327 9.00 -14.93 -5.55
C GLU A 327 9.73 -14.42 -6.77
N LEU A 328 10.58 -13.39 -6.58
CA LEU A 328 11.38 -12.77 -7.62
C LEU A 328 12.41 -13.72 -8.16
N MET A 329 13.03 -14.55 -7.28
CA MET A 329 13.95 -15.60 -7.67
C MET A 329 13.29 -16.65 -8.51
N LYS A 330 12.06 -17.06 -8.15
CA LYS A 330 11.24 -18.00 -8.90
C LYS A 330 10.92 -17.49 -10.28
N ALA A 331 10.52 -16.20 -10.36
CA ALA A 331 10.16 -15.50 -11.57
C ALA A 331 11.30 -15.39 -12.54
N PHE A 332 12.52 -15.10 -12.00
CA PHE A 332 13.76 -14.92 -12.72
C PHE A 332 14.14 -16.16 -13.50
N ILE A 333 14.00 -17.34 -12.86
CA ILE A 333 14.34 -18.61 -13.44
C ILE A 333 13.16 -19.04 -14.32
N LEU B 1 1.44 17.60 -10.87
CA LEU B 1 2.62 18.45 -11.18
C LEU B 1 2.78 18.65 -12.65
N ARG B 2 3.53 19.72 -13.01
CA ARG B 2 3.80 20.07 -14.37
C ARG B 2 5.28 20.06 -14.53
N HIS B 3 5.75 19.47 -15.66
CA HIS B 3 7.13 19.49 -16.07
C HIS B 3 7.49 20.88 -16.51
N GLN B 4 8.79 21.23 -16.50
CA GLN B 4 9.28 22.57 -16.74
C GLN B 4 9.13 23.01 -18.17
N SER B 5 8.95 22.05 -19.12
CA SER B 5 8.60 22.36 -20.50
C SER B 5 7.27 23.05 -20.59
N LEU B 6 6.29 22.57 -19.76
CA LEU B 6 4.95 23.11 -19.67
C LEU B 6 4.88 24.42 -18.94
N SER B 7 5.96 24.85 -18.27
CA SER B 7 5.98 26.11 -17.56
C SER B 7 7.39 26.61 -17.71
N TYR B 8 7.73 27.07 -18.93
CA TYR B 8 9.03 27.57 -19.30
C TYR B 8 9.45 28.75 -18.44
N ARG B 9 10.78 28.83 -18.15
CA ARG B 9 11.44 29.79 -17.30
C ARG B 9 11.23 31.18 -17.82
N CYS B 10 10.42 31.97 -17.08
CA CYS B 10 10.16 33.35 -17.39
C CYS B 10 10.26 34.05 -16.06
N PRO B 11 10.33 35.38 -16.03
CA PRO B 11 10.27 36.13 -14.78
C PRO B 11 8.89 36.06 -14.19
N CYS B 12 7.85 36.01 -15.03
CA CYS B 12 6.50 35.81 -14.58
C CYS B 12 5.85 35.05 -15.70
N ARG B 13 4.89 34.17 -15.32
CA ARG B 13 4.08 33.44 -16.26
C ARG B 13 2.69 34.03 -16.25
N PHE B 14 2.53 35.26 -15.72
CA PHE B 14 1.27 35.94 -15.77
C PHE B 14 1.61 37.41 -15.74
N PHE B 15 0.62 38.26 -16.09
CA PHE B 15 0.79 39.69 -16.19
C PHE B 15 -0.40 40.26 -15.50
N GLU B 16 -0.28 41.55 -15.11
CA GLU B 16 -1.36 42.30 -14.51
C GLU B 16 -1.72 43.36 -15.49
N SER B 17 -2.91 43.98 -15.27
CA SER B 17 -3.51 44.92 -16.18
C SER B 17 -2.74 46.25 -16.08
N LYS B 25 4.96 51.75 -7.69
CA LYS B 25 5.81 52.93 -8.01
C LYS B 25 6.91 52.52 -8.95
N HIS B 26 8.10 52.22 -8.37
CA HIS B 26 9.32 51.87 -9.08
C HIS B 26 9.15 50.66 -9.94
N LEU B 27 9.85 50.65 -11.10
CA LEU B 27 9.85 49.54 -12.01
C LEU B 27 11.24 49.01 -12.07
N LYS B 28 11.37 47.68 -12.11
CA LYS B 28 12.61 46.99 -12.35
C LYS B 28 12.31 46.40 -13.69
N ILE B 29 13.26 46.53 -14.64
CA ILE B 29 13.03 46.14 -16.01
C ILE B 29 14.01 45.05 -16.23
N LEU B 30 13.51 43.89 -16.68
CA LEU B 30 14.30 42.71 -16.83
C LEU B 30 14.39 42.49 -18.31
N ASN B 31 15.62 42.42 -18.84
CA ASN B 31 15.83 42.17 -20.23
C ASN B 31 16.38 40.78 -20.26
N THR B 32 15.48 39.77 -20.29
CA THR B 32 15.87 38.39 -20.23
C THR B 32 15.94 37.86 -21.64
N PRO B 33 16.84 36.93 -21.96
CA PRO B 33 16.99 36.41 -23.31
C PRO B 33 15.97 35.30 -23.48
N ASN B 34 15.16 35.02 -22.43
CA ASN B 34 14.26 33.90 -22.39
C ASN B 34 12.94 34.39 -22.88
N CYS B 35 12.11 34.97 -21.97
CA CYS B 35 10.77 35.40 -22.29
C CYS B 35 10.79 36.89 -22.52
N ALA B 36 11.61 37.33 -23.50
CA ALA B 36 11.70 38.68 -24.02
C ALA B 36 11.89 39.73 -22.94
N LEU B 37 11.28 40.91 -23.14
CA LEU B 37 11.38 42.03 -22.24
C LEU B 37 10.26 41.89 -21.27
N GLN B 38 10.56 42.17 -19.98
CA GLN B 38 9.58 42.05 -18.92
C GLN B 38 9.76 43.21 -18.02
N ILE B 39 8.68 43.46 -17.25
CA ILE B 39 8.47 44.59 -16.40
C ILE B 39 8.24 43.94 -15.08
N VAL B 40 8.49 44.67 -13.99
CA VAL B 40 8.17 44.28 -12.65
C VAL B 40 7.81 45.63 -12.10
N ALA B 41 6.82 45.69 -11.19
CA ALA B 41 6.29 46.94 -10.73
C ALA B 41 5.96 46.74 -9.29
N ARG B 42 6.45 47.65 -8.43
CA ARG B 42 6.05 47.74 -7.06
C ARG B 42 4.58 47.99 -6.88
N LEU B 43 4.03 47.37 -5.81
CA LEU B 43 2.65 47.49 -5.41
C LEU B 43 2.77 48.02 -4.02
N LYS B 44 1.76 48.79 -3.58
CA LYS B 44 1.76 49.39 -2.27
C LYS B 44 0.96 48.49 -1.35
N ASN B 45 0.47 47.36 -1.90
CA ASN B 45 -0.34 46.36 -1.24
C ASN B 45 0.42 45.68 -0.12
N ASN B 46 1.71 45.35 -0.34
CA ASN B 46 2.49 44.64 0.64
C ASN B 46 3.95 44.76 0.24
N ASN B 47 4.25 45.57 -0.81
CA ASN B 47 5.56 45.79 -1.39
C ASN B 47 5.86 44.64 -2.34
N ARG B 48 4.79 43.89 -2.68
CA ARG B 48 4.76 42.79 -3.61
C ARG B 48 5.02 43.36 -4.98
N GLN B 49 5.68 42.61 -5.88
CA GLN B 49 6.00 43.16 -7.18
C GLN B 49 5.77 42.02 -8.12
N VAL B 50 4.98 42.27 -9.19
CA VAL B 50 4.64 41.28 -10.18
C VAL B 50 4.77 41.98 -11.50
N CYS B 51 4.88 41.17 -12.58
CA CYS B 51 5.03 41.65 -13.93
C CYS B 51 3.78 42.31 -14.47
N ILE B 52 4.01 43.18 -15.48
CA ILE B 52 3.02 43.98 -16.16
C ILE B 52 3.18 43.55 -17.60
N ASP B 53 2.11 43.73 -18.42
CA ASP B 53 2.01 43.36 -19.82
C ASP B 53 3.17 43.94 -20.64
N PRO B 54 3.92 43.14 -21.42
CA PRO B 54 5.01 43.65 -22.24
C PRO B 54 4.50 43.75 -23.65
N LYS B 55 3.26 44.26 -23.85
CA LYS B 55 2.71 44.52 -25.16
C LYS B 55 2.02 45.85 -25.08
N LEU B 56 1.87 46.42 -23.85
CA LEU B 56 1.30 47.72 -23.58
C LEU B 56 2.15 48.78 -24.25
N LYS B 57 1.51 49.80 -24.86
CA LYS B 57 2.19 50.71 -25.77
C LYS B 57 3.18 51.63 -25.12
N TRP B 58 2.80 52.32 -24.02
CA TRP B 58 3.68 53.27 -23.34
C TRP B 58 4.79 52.55 -22.60
N ILE B 59 4.58 51.25 -22.30
CA ILE B 59 5.58 50.35 -21.76
C ILE B 59 6.64 50.11 -22.81
N GLN B 60 6.25 49.80 -24.07
CA GLN B 60 7.16 49.49 -25.15
C GLN B 60 8.00 50.69 -25.52
N GLU B 61 7.38 51.90 -25.52
CA GLU B 61 8.04 53.15 -25.81
C GLU B 61 9.12 53.44 -24.80
N TYR B 62 8.84 53.20 -23.50
CA TYR B 62 9.79 53.37 -22.41
C TYR B 62 10.95 52.41 -22.52
N LEU B 63 10.69 51.13 -22.89
CA LEU B 63 11.69 50.10 -23.06
C LEU B 63 12.67 50.44 -24.15
N GLU B 64 12.14 50.85 -25.33
CA GLU B 64 12.90 51.23 -26.50
C GLU B 64 13.71 52.49 -26.29
N LYS B 65 13.14 53.47 -25.56
CA LYS B 65 13.78 54.70 -25.15
C LYS B 65 14.98 54.45 -24.28
N ALA B 66 14.85 53.50 -23.33
CA ALA B 66 15.89 53.10 -22.43
C ALA B 66 16.63 51.91 -23.07
N ASP C 2 -22.56 -21.78 6.05
CA ASP C 2 -21.36 -22.58 5.67
C ASP C 2 -21.20 -22.59 4.17
N ILE C 3 -19.95 -22.72 3.71
CA ILE C 3 -19.62 -22.99 2.34
C ILE C 3 -19.10 -24.39 2.41
N GLN C 4 -19.91 -25.33 1.92
CA GLN C 4 -19.70 -26.76 2.02
C GLN C 4 -18.45 -27.24 1.38
N MET C 5 -17.95 -28.37 1.91
CA MET C 5 -16.77 -29.01 1.39
C MET C 5 -17.11 -30.46 1.51
N THR C 6 -16.69 -31.26 0.50
CA THR C 6 -16.88 -32.67 0.48
C THR C 6 -15.49 -33.22 0.56
N GLN C 7 -15.15 -33.80 1.72
CA GLN C 7 -13.86 -34.36 1.99
C GLN C 7 -14.09 -35.84 1.84
N SER C 8 -13.18 -36.51 1.10
CA SER C 8 -13.30 -37.91 0.83
C SER C 8 -11.89 -38.43 0.68
N PRO C 9 -11.60 -39.68 1.04
CA PRO C 9 -12.51 -40.64 1.63
C PRO C 9 -12.52 -40.37 3.12
N SER C 10 -13.52 -40.92 3.85
CA SER C 10 -13.68 -40.70 5.26
C SER C 10 -13.09 -41.85 6.05
N SER C 11 -12.39 -42.77 5.36
CA SER C 11 -11.72 -43.87 5.99
C SER C 11 -10.51 -44.08 5.13
N LEU C 12 -9.40 -44.56 5.72
CA LEU C 12 -8.17 -44.69 4.99
C LEU C 12 -7.31 -45.65 5.75
N SER C 13 -6.16 -46.04 5.13
CA SER C 13 -5.20 -46.96 5.69
C SER C 13 -3.89 -46.18 5.90
N ASP C 18 2.88 -45.73 3.44
CA ASP C 18 1.66 -45.85 2.60
C ASP C 18 1.40 -44.53 1.91
N ARG C 19 0.90 -44.59 0.67
CA ARG C 19 0.69 -43.42 -0.14
C ARG C 19 -0.72 -42.96 0.12
N VAL C 20 -0.86 -41.97 1.03
CA VAL C 20 -2.11 -41.47 1.50
C VAL C 20 -2.35 -40.14 0.84
N THR C 21 -3.51 -39.99 0.18
CA THR C 21 -3.92 -38.75 -0.44
C THR C 21 -5.30 -38.52 0.10
N ILE C 22 -5.60 -37.26 0.47
CA ILE C 22 -6.88 -36.86 0.98
C ILE C 22 -7.29 -35.73 0.12
N THR C 23 -8.39 -35.93 -0.65
CA THR C 23 -8.87 -34.97 -1.61
C THR C 23 -10.07 -34.29 -1.00
N CYS C 24 -10.11 -32.96 -1.09
CA CYS C 24 -11.16 -32.17 -0.48
C CYS C 24 -11.62 -31.27 -1.59
N ARG C 25 -12.92 -31.39 -1.92
CA ARG C 25 -13.59 -30.60 -2.91
C ARG C 25 -14.28 -29.49 -2.15
N ALA C 26 -14.65 -28.39 -2.86
CA ALA C 26 -15.29 -27.25 -2.25
C ALA C 26 -16.48 -26.96 -3.10
N SER C 27 -17.53 -26.37 -2.47
CA SER C 27 -18.79 -26.03 -3.09
C SER C 27 -18.68 -24.78 -3.91
N GLN C 28 -17.73 -23.89 -3.56
CA GLN C 28 -17.51 -22.64 -4.25
C GLN C 28 -16.02 -22.51 -4.33
N SER C 29 -15.53 -21.61 -5.23
CA SER C 29 -14.14 -21.30 -5.35
C SER C 29 -13.66 -20.56 -4.14
N VAL C 30 -12.74 -21.21 -3.39
CA VAL C 30 -12.09 -20.67 -2.23
C VAL C 30 -10.68 -20.65 -2.69
N SER C 31 -9.97 -19.51 -2.49
CA SER C 31 -8.67 -19.34 -3.07
C SER C 31 -7.66 -19.30 -1.96
N SER C 32 -6.95 -20.44 -1.82
CA SER C 32 -5.83 -20.70 -0.94
C SER C 32 -6.00 -20.21 0.48
N ALA C 33 -7.17 -20.46 1.10
CA ALA C 33 -7.38 -20.15 2.49
C ALA C 33 -7.74 -21.41 3.24
N VAL C 34 -7.50 -22.58 2.59
CA VAL C 34 -7.78 -23.89 3.14
C VAL C 34 -6.80 -24.18 4.26
N ALA C 35 -7.16 -25.09 5.19
CA ALA C 35 -6.20 -25.58 6.15
C ALA C 35 -6.47 -27.04 6.34
N TRP C 36 -5.42 -27.77 6.75
CA TRP C 36 -5.51 -29.17 7.10
C TRP C 36 -5.01 -29.26 8.51
N TYR C 37 -5.32 -30.38 9.20
CA TYR C 37 -5.04 -30.52 10.61
C TYR C 37 -4.77 -31.96 10.89
N GLN C 38 -4.42 -32.24 12.16
CA GLN C 38 -4.11 -33.55 12.65
C GLN C 38 -4.37 -33.43 14.11
N GLN C 39 -5.49 -34.02 14.58
CA GLN C 39 -5.83 -34.04 15.98
C GLN C 39 -5.68 -35.47 16.36
N LYS C 40 -4.75 -35.75 17.31
CA LYS C 40 -4.55 -37.08 17.85
C LYS C 40 -5.69 -37.26 18.84
N PRO C 41 -6.24 -38.43 19.10
CA PRO C 41 -7.44 -38.62 19.91
C PRO C 41 -7.27 -38.10 21.31
N GLY C 42 -8.11 -37.13 21.73
CA GLY C 42 -8.08 -36.53 23.04
C GLY C 42 -6.97 -35.53 23.16
N LYS C 43 -6.62 -34.88 22.03
CA LYS C 43 -5.54 -33.92 21.98
C LYS C 43 -5.95 -32.93 20.95
N ALA C 44 -5.63 -31.64 21.19
CA ALA C 44 -5.97 -30.53 20.33
C ALA C 44 -5.29 -30.65 18.97
N PRO C 45 -5.91 -30.21 17.88
CA PRO C 45 -5.36 -30.23 16.53
C PRO C 45 -4.02 -29.56 16.43
N LYS C 46 -3.16 -29.97 15.48
CA LYS C 46 -1.93 -29.28 15.19
C LYS C 46 -2.05 -28.95 13.74
N LEU C 47 -1.63 -27.74 13.36
CA LEU C 47 -1.70 -27.24 12.00
C LEU C 47 -0.73 -28.03 11.17
N LEU C 48 -1.06 -28.29 9.89
CA LEU C 48 -0.13 -28.99 9.03
C LEU C 48 0.16 -28.16 7.84
N ILE C 49 -0.90 -27.53 7.26
CA ILE C 49 -0.76 -26.79 6.04
C ILE C 49 -1.72 -25.66 6.11
N TYR C 50 -1.20 -24.42 6.06
CA TYR C 50 -2.02 -23.23 5.98
C TYR C 50 -1.90 -22.78 4.55
N SER C 51 -2.82 -21.90 4.11
CA SER C 51 -2.91 -21.38 2.77
C SER C 51 -3.40 -22.48 1.84
N ALA C 52 -2.48 -23.27 1.27
CA ALA C 52 -2.87 -24.29 0.34
C ALA C 52 -1.71 -25.18 0.02
N SER C 53 -0.48 -24.85 0.49
CA SER C 53 0.67 -25.66 0.18
C SER C 53 1.82 -25.29 1.08
N SER C 54 1.63 -24.31 1.98
CA SER C 54 2.70 -23.82 2.82
C SER C 54 2.55 -24.42 4.18
N LEU C 55 3.53 -25.28 4.55
CA LEU C 55 3.51 -26.03 5.79
C LEU C 55 3.81 -25.10 6.92
N TYR C 56 3.36 -25.50 8.13
CA TYR C 56 3.65 -24.79 9.36
C TYR C 56 4.94 -25.39 9.88
N SER C 57 5.67 -24.63 10.74
CA SER C 57 6.94 -25.05 11.31
C SER C 57 6.72 -26.25 12.20
N GLY C 58 7.65 -27.24 12.11
CA GLY C 58 7.58 -28.45 12.88
C GLY C 58 6.60 -29.42 12.28
N VAL C 59 6.37 -29.34 10.94
CA VAL C 59 5.49 -30.23 10.24
C VAL C 59 6.42 -30.88 9.23
N PRO C 60 6.62 -32.20 9.25
CA PRO C 60 7.47 -32.96 8.33
C PRO C 60 7.26 -32.71 6.86
N SER C 61 8.28 -33.09 6.05
CA SER C 61 8.31 -32.86 4.61
C SER C 61 7.40 -33.79 3.85
N ARG C 62 6.94 -34.91 4.47
CA ARG C 62 6.04 -35.88 3.86
C ARG C 62 4.73 -35.21 3.48
N PHE C 63 4.23 -34.31 4.36
CA PHE C 63 3.06 -33.49 4.15
C PHE C 63 3.30 -32.58 2.97
N SER C 64 2.32 -32.48 2.05
CA SER C 64 2.48 -31.71 0.85
C SER C 64 1.09 -31.29 0.47
N GLY C 65 0.89 -29.98 0.24
CA GLY C 65 -0.41 -29.45 -0.12
C GLY C 65 -0.39 -29.11 -1.56
N SER C 66 -1.59 -28.92 -2.15
CA SER C 66 -1.71 -28.52 -3.52
C SER C 66 -3.11 -27.96 -3.63
N ARG C 67 -3.32 -27.11 -4.64
CA ARG C 67 -4.60 -26.53 -4.97
C ARG C 67 -4.77 -26.84 -6.42
N SER C 68 -5.97 -27.34 -6.80
CA SER C 68 -6.27 -27.63 -8.17
C SER C 68 -7.67 -27.13 -8.32
N GLY C 69 -7.82 -25.78 -8.21
CA GLY C 69 -9.09 -25.11 -8.25
C GLY C 69 -9.76 -25.28 -6.92
N THR C 70 -10.88 -26.02 -6.89
CA THR C 70 -11.60 -26.33 -5.68
C THR C 70 -11.20 -27.68 -5.16
N ASP C 71 -10.32 -28.42 -5.88
CA ASP C 71 -9.87 -29.74 -5.48
C ASP C 71 -8.51 -29.64 -4.83
N PHE C 72 -8.50 -29.19 -3.56
CA PHE C 72 -7.36 -29.17 -2.68
C PHE C 72 -7.03 -30.59 -2.31
N THR C 73 -5.78 -30.86 -1.91
CA THR C 73 -5.41 -32.20 -1.51
C THR C 73 -4.22 -32.10 -0.61
N LEU C 74 -4.20 -32.97 0.43
CA LEU C 74 -3.07 -33.15 1.30
C LEU C 74 -2.53 -34.49 0.93
N THR C 75 -1.19 -34.61 0.89
CA THR C 75 -0.48 -35.76 0.40
C THR C 75 0.49 -36.12 1.49
N ILE C 76 0.62 -37.44 1.73
CA ILE C 76 1.60 -38.03 2.61
C ILE C 76 2.12 -39.18 1.81
N SER C 77 3.32 -38.99 1.22
CA SER C 77 3.99 -39.93 0.37
C SER C 77 4.29 -41.25 1.05
N SER C 78 4.79 -41.21 2.31
CA SER C 78 4.99 -42.40 3.11
C SER C 78 4.44 -42.07 4.46
N LEU C 79 3.48 -42.90 4.91
CA LEU C 79 2.74 -42.77 6.13
C LEU C 79 3.59 -43.16 7.30
N GLN C 80 3.38 -42.49 8.46
CA GLN C 80 4.15 -42.66 9.67
C GLN C 80 3.13 -42.86 10.78
N PRO C 81 3.48 -43.39 11.96
CA PRO C 81 2.50 -43.76 12.97
C PRO C 81 1.99 -42.57 13.75
N GLU C 82 2.32 -41.33 13.31
CA GLU C 82 1.88 -40.12 13.96
C GLU C 82 0.74 -39.57 13.14
N ASP C 83 0.39 -40.27 12.05
CA ASP C 83 -0.51 -39.80 11.03
C ASP C 83 -1.86 -40.45 11.17
N PHE C 84 -2.08 -41.23 12.26
CA PHE C 84 -3.34 -41.88 12.50
C PHE C 84 -4.14 -40.90 13.30
N ALA C 85 -4.95 -40.11 12.57
CA ALA C 85 -5.72 -39.05 13.16
C ALA C 85 -6.75 -38.69 12.15
N THR C 86 -7.82 -38.03 12.63
CA THR C 86 -8.87 -37.49 11.79
C THR C 86 -8.41 -36.15 11.29
N TYR C 87 -7.95 -36.10 10.02
CA TYR C 87 -7.55 -34.88 9.34
C TYR C 87 -8.76 -34.14 8.89
N TYR C 88 -8.85 -32.82 9.17
CA TYR C 88 -10.02 -32.05 8.86
C TYR C 88 -9.64 -30.98 7.91
N CYS C 89 -10.24 -31.05 6.70
CA CYS C 89 -10.20 -30.02 5.68
C CYS C 89 -10.92 -28.81 6.21
N GLN C 90 -10.44 -27.60 5.91
CA GLN C 90 -11.04 -26.39 6.41
C GLN C 90 -10.99 -25.46 5.23
N GLN C 91 -11.86 -24.43 5.19
CA GLN C 91 -11.71 -23.31 4.30
C GLN C 91 -12.02 -22.12 5.15
N SER C 92 -11.29 -21.02 4.91
CA SER C 92 -11.44 -19.80 5.67
C SER C 92 -11.60 -18.66 4.71
N TYR C 93 -11.75 -18.95 3.39
CA TYR C 93 -11.81 -17.93 2.37
C TYR C 93 -13.06 -17.10 2.56
N TYR C 94 -14.17 -17.81 2.85
CA TYR C 94 -15.44 -17.24 3.19
C TYR C 94 -15.64 -17.73 4.59
N TYR C 95 -16.24 -16.89 5.46
CA TYR C 95 -16.74 -17.34 6.73
C TYR C 95 -18.19 -17.68 6.51
N PRO C 96 -18.85 -18.54 7.28
CA PRO C 96 -18.34 -19.33 8.39
C PRO C 96 -17.20 -20.23 7.99
N ILE C 97 -16.27 -20.50 8.92
CA ILE C 97 -15.19 -21.42 8.73
C ILE C 97 -15.82 -22.80 8.75
N THR C 98 -15.67 -23.55 7.64
CA THR C 98 -16.38 -24.79 7.44
C THR C 98 -15.36 -25.89 7.43
N PHE C 99 -15.62 -26.92 8.26
CA PHE C 99 -14.79 -28.10 8.36
C PHE C 99 -15.41 -29.20 7.54
N GLY C 100 -14.54 -30.13 7.08
CA GLY C 100 -14.88 -31.30 6.31
C GLY C 100 -15.57 -32.35 7.12
N GLN C 101 -15.55 -33.60 6.60
CA GLN C 101 -16.23 -34.72 7.19
C GLN C 101 -15.28 -35.57 8.01
N GLY C 102 -13.98 -35.23 7.98
CA GLY C 102 -12.94 -35.92 8.72
C GLY C 102 -12.49 -37.12 7.97
N THR C 103 -11.15 -37.34 7.96
CA THR C 103 -10.53 -38.43 7.26
C THR C 103 -9.78 -39.23 8.27
N LYS C 104 -10.47 -40.23 8.87
CA LYS C 104 -9.87 -41.18 9.78
C LYS C 104 -8.86 -41.99 9.03
N VAL C 105 -7.69 -42.25 9.64
CA VAL C 105 -6.66 -43.03 9.00
C VAL C 105 -6.43 -44.12 10.01
N GLU C 106 -6.78 -45.37 9.61
CA GLU C 106 -6.68 -46.53 10.45
C GLU C 106 -5.31 -47.18 10.24
N VAL D 5 4.57 -18.40 24.79
CA VAL D 5 3.31 -18.67 24.06
C VAL D 5 2.83 -20.03 24.48
N GLN D 6 1.93 -20.08 25.48
CA GLN D 6 1.42 -21.32 25.99
C GLN D 6 -0.03 -21.08 26.26
N LEU D 7 -0.90 -22.05 25.91
CA LEU D 7 -2.33 -21.97 26.10
C LEU D 7 -2.71 -23.10 26.99
N VAL D 8 -3.49 -22.82 28.07
CA VAL D 8 -3.96 -23.83 28.98
C VAL D 8 -5.43 -23.56 29.21
N GLU D 9 -6.26 -24.61 29.13
CA GLU D 9 -7.69 -24.51 29.25
C GLU D 9 -8.09 -24.85 30.65
N SER D 10 -9.09 -24.12 31.19
CA SER D 10 -9.63 -24.34 32.50
C SER D 10 -11.11 -24.20 32.32
N GLY D 11 -11.88 -25.23 32.71
CA GLY D 11 -13.30 -25.22 32.51
C GLY D 11 -13.75 -26.64 32.54
N GLY D 12 -14.70 -27.00 31.64
CA GLY D 12 -15.22 -28.33 31.51
C GLY D 12 -16.09 -28.73 32.65
N GLY D 13 -16.44 -30.04 32.70
CA GLY D 13 -17.25 -30.61 33.75
C GLY D 13 -18.53 -31.09 33.15
N LEU D 14 -19.49 -31.44 34.04
CA LEU D 14 -20.78 -31.98 33.69
C LEU D 14 -21.74 -30.88 34.02
N VAL D 15 -22.57 -30.45 33.03
CA VAL D 15 -23.54 -29.40 33.27
C VAL D 15 -24.74 -29.80 32.46
N GLN D 16 -25.93 -29.75 33.10
CA GLN D 16 -27.20 -30.20 32.59
C GLN D 16 -27.65 -29.35 31.40
N PRO D 17 -28.38 -29.89 30.41
CA PRO D 17 -28.83 -29.18 29.22
C PRO D 17 -29.71 -27.99 29.57
N GLY D 18 -29.49 -26.86 28.88
CA GLY D 18 -30.23 -25.63 29.02
C GLY D 18 -29.49 -24.71 29.96
N GLY D 19 -28.27 -25.13 30.39
CA GLY D 19 -27.47 -24.42 31.34
C GLY D 19 -26.62 -23.40 30.65
N SER D 20 -25.43 -23.15 31.26
CA SER D 20 -24.43 -22.23 30.81
C SER D 20 -23.17 -22.77 31.41
N LEU D 21 -22.00 -22.28 30.93
CA LEU D 21 -20.73 -22.77 31.40
C LEU D 21 -19.74 -21.81 30.82
N ARG D 22 -18.56 -21.67 31.46
CA ARG D 22 -17.56 -20.74 31.01
C ARG D 22 -16.30 -21.55 31.02
N LEU D 23 -15.41 -21.21 30.08
CA LEU D 23 -14.13 -21.83 29.86
C LEU D 23 -13.23 -20.65 29.72
N SER D 24 -11.95 -20.85 30.07
CA SER D 24 -10.95 -19.83 30.00
C SER D 24 -9.82 -20.51 29.29
N CYS D 25 -9.08 -19.74 28.48
CA CYS D 25 -7.92 -20.18 27.78
C CYS D 25 -6.90 -19.19 28.20
N ALA D 26 -6.15 -19.47 29.30
CA ALA D 26 -5.11 -18.61 29.78
C ALA D 26 -3.95 -18.66 28.81
N ALA D 27 -3.44 -17.47 28.45
CA ALA D 27 -2.38 -17.33 27.49
C ALA D 27 -1.26 -16.68 28.24
N SER D 28 -0.04 -17.22 28.05
CA SER D 28 1.16 -16.75 28.68
C SER D 28 2.12 -16.46 27.57
N GLY D 29 2.30 -15.15 27.25
CA GLY D 29 3.29 -14.71 26.29
C GLY D 29 2.66 -13.60 25.51
N PHE D 30 2.52 -13.85 24.18
CA PHE D 30 2.08 -12.99 23.11
C PHE D 30 1.00 -12.00 23.46
N ASN D 31 1.02 -10.80 22.80
CA ASN D 31 -0.04 -9.82 22.88
C ASN D 31 -1.25 -10.39 22.18
N ILE D 32 -2.43 -10.37 22.83
CA ILE D 32 -3.56 -11.16 22.42
C ILE D 32 -4.49 -10.30 21.60
N SER D 33 -4.14 -9.01 21.40
CA SER D 33 -4.97 -8.09 20.66
C SER D 33 -4.36 -7.95 19.28
N SER D 34 -3.18 -8.57 19.04
CA SER D 34 -2.53 -8.56 17.75
C SER D 34 -2.67 -9.93 17.14
N SER D 35 -3.62 -10.75 17.66
CA SER D 35 -3.88 -12.07 17.18
C SER D 35 -5.32 -12.35 17.49
N SER D 36 -5.95 -13.24 16.71
CA SER D 36 -7.34 -13.58 16.90
C SER D 36 -7.36 -14.94 17.54
N ILE D 37 -8.31 -15.16 18.47
CA ILE D 37 -8.42 -16.37 19.23
C ILE D 37 -9.68 -17.01 18.75
N HIS D 38 -9.61 -18.32 18.40
CA HIS D 38 -10.71 -19.07 17.86
C HIS D 38 -10.89 -20.26 18.77
N TRP D 39 -12.12 -20.82 18.81
CA TRP D 39 -12.44 -22.02 19.53
C TRP D 39 -12.95 -23.01 18.53
N VAL D 40 -12.54 -24.29 18.66
CA VAL D 40 -12.91 -25.36 17.76
C VAL D 40 -13.28 -26.53 18.63
N ARG D 41 -14.50 -27.09 18.43
CA ARG D 41 -15.05 -28.17 19.23
C ARG D 41 -15.00 -29.44 18.43
N GLN D 42 -14.54 -30.56 19.04
CA GLN D 42 -14.66 -31.86 18.43
C GLN D 42 -15.68 -32.58 19.25
N ALA D 43 -16.85 -32.90 18.64
CA ALA D 43 -17.91 -33.65 19.26
C ALA D 43 -17.49 -35.12 19.31
N PRO D 44 -17.86 -35.93 20.30
CA PRO D 44 -17.38 -37.30 20.46
C PRO D 44 -17.71 -38.19 19.29
N GLY D 45 -16.65 -38.68 18.59
CA GLY D 45 -16.76 -39.58 17.46
C GLY D 45 -17.33 -38.91 16.24
N LYS D 46 -17.18 -37.58 16.15
CA LYS D 46 -17.76 -36.78 15.09
C LYS D 46 -16.77 -35.68 14.81
N GLY D 47 -16.93 -35.04 13.63
CA GLY D 47 -16.02 -34.05 13.10
C GLY D 47 -15.89 -32.76 13.88
N LEU D 48 -14.86 -31.96 13.50
CA LEU D 48 -14.62 -30.64 14.03
C LEU D 48 -15.66 -29.70 13.51
N GLU D 49 -15.88 -28.60 14.25
CA GLU D 49 -16.82 -27.61 13.86
C GLU D 49 -16.33 -26.38 14.57
N TRP D 50 -16.12 -25.29 13.80
CA TRP D 50 -15.68 -24.00 14.29
C TRP D 50 -16.77 -23.45 15.20
N VAL D 51 -16.38 -22.65 16.21
CA VAL D 51 -17.31 -22.25 17.24
C VAL D 51 -17.34 -20.75 17.30
N ALA D 52 -16.19 -20.09 17.54
CA ALA D 52 -16.24 -18.67 17.71
C ALA D 52 -14.86 -18.15 17.55
N SER D 53 -14.74 -16.81 17.39
CA SER D 53 -13.50 -16.14 17.20
C SER D 53 -13.69 -14.72 17.67
N ILE D 54 -12.56 -14.03 17.95
CA ILE D 54 -12.59 -12.67 18.41
C ILE D 54 -11.28 -12.08 17.99
N SER D 55 -11.31 -10.77 17.62
CA SER D 55 -10.19 -9.89 17.41
C SER D 55 -10.35 -8.89 18.53
N PRO D 56 -9.64 -8.95 19.66
CA PRO D 56 -9.87 -8.07 20.80
C PRO D 56 -9.62 -6.60 20.58
N SER D 57 -9.04 -6.17 19.42
CA SER D 57 -8.73 -4.78 19.15
C SER D 57 -9.95 -3.89 19.13
N TYR D 58 -11.04 -4.37 18.49
CA TYR D 58 -12.28 -3.64 18.39
C TYR D 58 -13.39 -4.49 18.93
N GLY D 59 -13.06 -5.67 19.53
CA GLY D 59 -14.03 -6.60 20.07
C GLY D 59 -14.86 -7.19 18.97
N TYR D 60 -14.22 -7.48 17.83
CA TYR D 60 -14.82 -7.94 16.61
C TYR D 60 -14.94 -9.44 16.65
N THR D 61 -16.07 -9.92 17.20
CA THR D 61 -16.43 -11.31 17.34
C THR D 61 -16.90 -11.85 16.01
N SER D 62 -17.01 -13.19 15.90
CA SER D 62 -17.52 -13.85 14.72
C SER D 62 -17.77 -15.26 15.16
N TYR D 63 -18.97 -15.82 14.86
CA TYR D 63 -19.39 -17.11 15.37
C TYR D 63 -19.81 -17.94 14.19
N ALA D 64 -19.78 -19.29 14.38
CA ALA D 64 -20.33 -20.25 13.45
C ALA D 64 -21.82 -20.28 13.61
N ASP D 65 -22.54 -20.73 12.57
CA ASP D 65 -23.99 -20.72 12.46
C ASP D 65 -24.68 -21.53 13.54
N SER D 66 -24.10 -22.70 13.91
CA SER D 66 -24.62 -23.63 14.89
C SER D 66 -24.77 -23.03 16.27
N VAL D 67 -23.79 -22.19 16.66
CA VAL D 67 -23.66 -21.64 17.98
C VAL D 67 -23.92 -20.16 17.95
N LYS D 68 -24.41 -19.63 16.80
CA LYS D 68 -24.59 -18.23 16.53
C LYS D 68 -25.54 -17.57 17.51
N GLY D 69 -25.03 -16.58 18.28
CA GLY D 69 -25.78 -15.79 19.22
C GLY D 69 -25.87 -16.42 20.58
N ARG D 70 -26.08 -17.76 20.62
CA ARG D 70 -26.30 -18.52 21.83
C ARG D 70 -25.03 -18.79 22.57
N PHE D 71 -23.87 -18.68 21.90
CA PHE D 71 -22.57 -18.66 22.53
C PHE D 71 -22.11 -17.22 22.49
N THR D 72 -21.16 -16.87 23.38
CA THR D 72 -20.57 -15.56 23.46
C THR D 72 -19.11 -15.84 23.68
N ILE D 73 -18.23 -14.93 23.20
CA ILE D 73 -16.81 -15.03 23.35
C ILE D 73 -16.37 -13.63 23.74
N SER D 74 -15.53 -13.54 24.79
CA SER D 74 -15.12 -12.29 25.36
C SER D 74 -13.70 -12.46 25.79
N ALA D 75 -12.85 -11.44 25.57
CA ALA D 75 -11.44 -11.52 25.79
C ALA D 75 -11.03 -10.36 26.67
N ASP D 76 -9.88 -10.52 27.36
CA ASP D 76 -9.25 -9.54 28.20
C ASP D 76 -7.87 -9.43 27.65
N THR D 77 -7.33 -8.20 27.53
CA THR D 77 -6.06 -7.95 26.90
C THR D 77 -5.03 -7.60 27.95
N SER D 78 -5.49 -7.24 29.18
CA SER D 78 -4.65 -6.82 30.29
C SER D 78 -3.77 -7.96 30.75
N LYS D 79 -4.39 -9.15 30.85
CA LYS D 79 -3.73 -10.41 31.06
C LYS D 79 -4.29 -11.14 29.89
N ASN D 80 -3.41 -11.82 29.11
CA ASN D 80 -3.77 -12.49 27.88
C ASN D 80 -4.58 -13.71 28.25
N THR D 81 -5.86 -13.74 27.83
CA THR D 81 -6.76 -14.82 28.11
C THR D 81 -8.01 -14.54 27.30
N ALA D 82 -8.74 -15.61 26.92
CA ALA D 82 -9.95 -15.55 26.15
C ALA D 82 -10.90 -16.44 26.89
N TYR D 83 -12.19 -16.09 26.86
CA TYR D 83 -13.21 -16.79 27.60
C TYR D 83 -14.31 -17.14 26.64
N LEU D 84 -14.68 -18.44 26.57
CA LEU D 84 -15.83 -18.87 25.81
C LEU D 84 -16.90 -19.11 26.83
N GLN D 85 -18.04 -18.40 26.66
CA GLN D 85 -19.17 -18.45 27.57
C GLN D 85 -20.27 -19.08 26.76
N MET D 86 -20.84 -20.21 27.24
CA MET D 86 -21.85 -20.96 26.53
C MET D 86 -23.18 -20.70 27.19
N ASN D 87 -24.27 -20.99 26.45
CA ASN D 87 -25.62 -20.88 26.95
C ASN D 87 -26.39 -21.87 26.12
N SER D 88 -27.52 -22.35 26.67
CA SER D 88 -28.50 -23.19 25.98
C SER D 88 -27.94 -24.54 25.64
N LEU D 89 -27.30 -25.23 26.62
CA LEU D 89 -26.55 -26.45 26.43
C LEU D 89 -27.40 -27.57 25.88
N ARG D 90 -26.79 -28.41 25.01
CA ARG D 90 -27.46 -29.53 24.39
C ARG D 90 -26.45 -30.61 24.18
N ALA D 91 -26.92 -31.77 23.65
CA ALA D 91 -26.11 -32.89 23.26
C ALA D 91 -25.20 -32.52 22.12
N GLU D 92 -25.64 -31.54 21.28
CA GLU D 92 -24.87 -30.93 20.22
C GLU D 92 -23.58 -30.32 20.73
N ASP D 93 -23.64 -29.70 21.94
CA ASP D 93 -22.52 -29.03 22.56
C ASP D 93 -21.48 -29.97 23.07
N THR D 94 -21.85 -31.24 23.42
CA THR D 94 -20.95 -32.22 24.00
C THR D 94 -19.78 -32.42 23.06
N ALA D 95 -18.57 -32.12 23.56
CA ALA D 95 -17.38 -32.03 22.73
C ALA D 95 -16.23 -31.69 23.61
N VAL D 96 -15.00 -31.76 23.06
CA VAL D 96 -13.80 -31.35 23.73
C VAL D 96 -13.43 -30.04 23.09
N TYR D 97 -13.51 -28.95 23.88
CA TYR D 97 -13.33 -27.61 23.40
C TYR D 97 -11.88 -27.23 23.48
N TYR D 98 -11.31 -26.90 22.30
CA TYR D 98 -9.92 -26.51 22.15
C TYR D 98 -9.94 -25.03 21.87
N CYS D 99 -8.94 -24.29 22.39
CA CYS D 99 -8.69 -22.91 22.06
C CYS D 99 -7.47 -22.86 21.18
N ALA D 100 -7.59 -22.16 20.02
CA ALA D 100 -6.56 -22.04 19.04
C ALA D 100 -6.31 -20.59 18.79
N ARG D 101 -5.10 -20.25 18.30
CA ARG D 101 -4.65 -18.92 17.99
C ARG D 101 -4.36 -18.85 16.53
N VAL D 102 -4.85 -17.78 15.85
CA VAL D 102 -4.37 -17.41 14.55
C VAL D 102 -3.48 -16.23 14.83
N SER D 103 -2.19 -16.37 14.45
CA SER D 103 -1.12 -15.48 14.84
C SER D 103 -0.89 -14.51 13.72
N TYR D 104 -0.15 -13.42 14.01
CA TYR D 104 0.15 -12.42 13.02
C TYR D 104 1.48 -11.82 13.43
N TRP D 105 2.26 -11.39 12.41
CA TRP D 105 3.50 -10.69 12.58
C TRP D 105 3.47 -9.71 11.45
N ASP D 106 3.96 -8.48 11.72
CA ASP D 106 3.86 -7.38 10.79
C ASP D 106 5.18 -7.14 10.10
N TRP D 107 6.14 -8.11 10.20
CA TRP D 107 7.42 -8.02 9.52
C TRP D 107 7.16 -8.15 8.02
N THR D 108 6.22 -9.05 7.68
CA THR D 108 5.70 -9.22 6.34
C THR D 108 4.32 -8.62 6.43
N TRP D 109 3.75 -8.21 5.28
CA TRP D 109 2.49 -7.54 5.26
C TRP D 109 2.07 -7.46 3.82
N GLY D 110 2.98 -7.01 2.93
CA GLY D 110 2.66 -6.71 1.55
C GLY D 110 2.68 -7.95 0.71
N TRP D 111 3.36 -8.99 1.24
CA TRP D 111 3.58 -10.23 0.55
C TRP D 111 3.24 -11.26 1.57
N SER D 112 2.00 -11.13 2.11
CA SER D 112 1.45 -11.92 3.19
C SER D 112 0.86 -13.19 2.62
N LYS D 113 0.42 -14.09 3.52
CA LYS D 113 -0.15 -15.36 3.16
C LYS D 113 -1.31 -15.57 4.09
N TYR D 114 -2.19 -16.54 3.74
CA TYR D 114 -3.39 -16.83 4.50
C TYR D 114 -3.05 -17.85 5.54
N GLU D 115 -2.74 -17.39 6.78
CA GLU D 115 -2.37 -18.21 7.91
C GLU D 115 -3.53 -18.97 8.47
N GLY D 116 -3.21 -20.12 9.11
CA GLY D 116 -4.15 -20.99 9.76
C GLY D 116 -4.07 -20.73 11.24
N MET D 117 -4.65 -21.66 12.04
CA MET D 117 -4.63 -21.60 13.48
C MET D 117 -3.48 -22.50 13.83
N ASP D 118 -2.43 -21.96 14.50
CA ASP D 118 -1.17 -22.63 14.68
C ASP D 118 -0.88 -23.00 16.11
N TYR D 119 -1.21 -22.17 17.13
CA TYR D 119 -0.91 -22.48 18.51
C TYR D 119 -2.19 -22.96 19.13
N TRP D 120 -2.22 -24.26 19.47
CA TRP D 120 -3.36 -24.97 20.00
C TRP D 120 -3.11 -25.41 21.41
N GLY D 121 -4.15 -25.27 22.26
CA GLY D 121 -4.22 -25.72 23.63
C GLY D 121 -4.21 -27.21 23.78
N GLN D 122 -4.93 -27.74 24.80
CA GLN D 122 -4.95 -29.16 25.08
C GLN D 122 -6.36 -29.55 25.41
N GLY D 123 -7.21 -28.57 25.80
CA GLY D 123 -8.64 -28.69 25.82
C GLY D 123 -9.17 -29.30 27.08
N THR D 124 -10.38 -28.84 27.44
CA THR D 124 -11.16 -29.28 28.56
C THR D 124 -12.38 -29.93 27.99
N LEU D 125 -12.88 -30.99 28.66
CA LEU D 125 -14.00 -31.78 28.20
C LEU D 125 -15.22 -31.22 28.85
N VAL D 126 -16.23 -30.89 28.00
CA VAL D 126 -17.51 -30.40 28.40
C VAL D 126 -18.43 -31.53 28.08
N THR D 127 -19.32 -31.87 29.03
CA THR D 127 -20.26 -32.94 28.88
C THR D 127 -21.57 -32.31 29.24
N VAL D 128 -22.63 -32.69 28.48
CA VAL D 128 -23.96 -32.21 28.73
C VAL D 128 -24.74 -33.46 28.99
N SER D 129 -24.91 -33.77 30.30
CA SER D 129 -25.59 -34.96 30.76
C SER D 129 -27.07 -34.60 30.90
#